data_5NWJ
#
_entry.id   5NWJ
#
_cell.length_a   109.034
_cell.length_b   109.034
_cell.length_c   136.712
_cell.angle_alpha   90.00
_cell.angle_beta   90.00
_cell.angle_gamma   120.00
#
_symmetry.space_group_name_H-M   'P 65 2 2'
#
loop_
_entity.id
_entity.type
_entity.pdbx_description
1 polymer '14-3-3-like protein C'
2 polymer 'Potassium channel KAT1'
3 non-polymer 'TRIETHYLENE GLYCOL'
4 non-polymer DI(HYDROXYETHYL)ETHER
5 non-polymer GLYCEROL
6 non-polymer 'ACETATE ION'
7 water water
#
loop_
_entity_poly.entity_id
_entity_poly.type
_entity_poly.pdbx_seq_one_letter_code
_entity_poly.pdbx_strand_id
1 'polypeptide(L)'
;PGMAVAPTAREENVYMAKLAEQAERYEEMVEFMEKVSNSLGSEELTVEERNLLSVAYKNVIGARRASWRIISSIEQKEES
RGNEEHVNSIREYRSKIENELSKICDGILKLLDAKLIPSAASGDSKVFYLKMKGDYHRYLAEFKTGAERKEAAESTLTAY
KAAQDIATTELAPTHPIRLGLALNFSVFYYEILNSPDRACNLAKQAFDEAIAELDTLGEESYKDSTLIMQLLRDNLTLWT
SDMQDDGADEIKEDPKPDEAKN
;
A
2 'polypeptide(L)' HLYFS(SEP)N P
#
loop_
_chem_comp.id
_chem_comp.type
_chem_comp.name
_chem_comp.formula
ACT non-polymer 'ACETATE ION' 'C2 H3 O2 -1'
GOL non-polymer GLYCEROL 'C3 H8 O3'
PEG non-polymer DI(HYDROXYETHYL)ETHER 'C4 H10 O3'
PGE non-polymer 'TRIETHYLENE GLYCOL' 'C6 H14 O4'
#
# COMPACT_ATOMS: atom_id res chain seq x y z
N ALA A 6 -20.09 -26.75 16.31
CA ALA A 6 -18.95 -26.86 15.40
C ALA A 6 -18.55 -25.49 14.86
N PRO A 7 -17.26 -25.32 14.54
CA PRO A 7 -16.81 -24.02 14.02
C PRO A 7 -17.51 -23.68 12.71
N THR A 8 -17.79 -22.38 12.53
CA THR A 8 -18.29 -21.94 11.23
C THR A 8 -17.17 -22.04 10.20
N ALA A 9 -17.56 -22.09 8.92
CA ALA A 9 -16.58 -22.06 7.84
C ALA A 9 -15.70 -20.81 7.94
N ARG A 10 -16.30 -19.71 8.35
CA ARG A 10 -15.56 -18.47 8.50
C ARG A 10 -14.55 -18.55 9.64
N GLU A 11 -14.93 -19.15 10.72
CA GLU A 11 -14.01 -19.32 11.80
C GLU A 11 -12.86 -20.16 11.33
N GLU A 12 -13.17 -21.18 10.56
CA GLU A 12 -12.17 -22.09 10.06
C GLU A 12 -11.20 -21.42 9.11
N ASN A 13 -11.72 -20.64 8.20
CA ASN A 13 -10.90 -19.92 7.27
C ASN A 13 -10.00 -18.92 7.97
N VAL A 14 -10.51 -18.24 8.98
CA VAL A 14 -9.68 -17.27 9.68
C VAL A 14 -8.52 -17.98 10.35
N TYR A 15 -8.81 -19.09 11.02
CA TYR A 15 -7.75 -19.85 11.68
C TYR A 15 -6.71 -20.35 10.66
N MET A 16 -7.16 -20.88 9.53
CA MET A 16 -6.24 -21.29 8.46
C MET A 16 -5.36 -20.13 8.03
N ALA A 17 -5.94 -18.95 7.87
CA ALA A 17 -5.17 -17.79 7.43
C ALA A 17 -4.05 -17.48 8.41
N LYS A 18 -4.31 -17.61 9.71
CA LYS A 18 -3.24 -17.36 10.67
C LYS A 18 -2.22 -18.47 10.67
N LEU A 19 -2.64 -19.71 10.40
CA LEU A 19 -1.67 -20.77 10.17
C LEU A 19 -0.80 -20.47 8.95
N ALA A 20 -1.45 -20.09 7.83
CA ALA A 20 -0.70 -19.70 6.65
C ALA A 20 0.29 -18.58 6.97
N GLU A 21 -0.17 -17.56 7.70
CA GLU A 21 0.74 -16.49 8.06
C GLU A 21 1.96 -17.05 8.79
N GLN A 22 1.74 -17.90 9.79
CA GLN A 22 2.83 -18.43 10.58
C GLN A 22 3.79 -19.28 9.75
N ALA A 23 3.26 -20.08 8.82
CA ALA A 23 4.11 -20.81 7.88
C ALA A 23 4.67 -19.94 6.76
N GLU A 24 4.32 -18.64 6.70
CA GLU A 24 4.76 -17.72 5.63
C GLU A 24 4.32 -18.22 4.25
N ARG A 25 3.09 -18.71 4.15
CA ARG A 25 2.53 -19.13 2.88
C ARG A 25 1.45 -18.12 2.50
N TYR A 26 1.90 -16.98 1.97
CA TYR A 26 1.04 -15.82 1.88
C TYR A 26 0.03 -15.92 0.75
N GLU A 27 0.37 -16.60 -0.35
CA GLU A 27 -0.64 -16.80 -1.38
C GLU A 27 -1.84 -17.55 -0.81
N GLU A 28 -1.59 -18.60 -0.01
CA GLU A 28 -2.69 -19.34 0.61
C GLU A 28 -3.42 -18.50 1.66
N MET A 29 -2.68 -17.72 2.45
CA MET A 29 -3.30 -16.73 3.35
C MET A 29 -4.30 -15.88 2.60
N VAL A 30 -3.92 -15.37 1.42
CA VAL A 30 -4.81 -14.53 0.63
C VAL A 30 -6.10 -15.27 0.31
N GLU A 31 -6.00 -16.55 -0.08
CA GLU A 31 -7.19 -17.26 -0.51
C GLU A 31 -8.13 -17.52 0.66
N PHE A 32 -7.57 -17.82 1.83
CA PHE A 32 -8.43 -17.99 3.00
C PHE A 32 -9.17 -16.71 3.32
N MET A 33 -8.48 -15.56 3.29
CA MET A 33 -9.15 -14.32 3.61
C MET A 33 -10.07 -13.83 2.50
N GLU A 34 -9.90 -14.30 1.27
CA GLU A 34 -10.86 -13.96 0.25
C GLU A 34 -12.14 -14.77 0.40
N LYS A 35 -12.02 -16.01 0.84
CA LYS A 35 -13.22 -16.78 1.18
C LYS A 35 -14.01 -16.09 2.29
N VAL A 36 -13.33 -15.56 3.29
CA VAL A 36 -14.01 -14.81 4.34
C VAL A 36 -14.71 -13.60 3.75
N SER A 37 -13.99 -12.81 2.98
CA SER A 37 -14.53 -11.56 2.44
C SER A 37 -15.72 -11.82 1.52
N ASN A 38 -15.61 -12.82 0.65
CA ASN A 38 -16.69 -13.12 -0.28
C ASN A 38 -17.89 -13.76 0.42
N SER A 39 -17.74 -14.21 1.66
CA SER A 39 -18.86 -14.78 2.43
C SER A 39 -19.63 -13.74 3.23
N LEU A 40 -19.25 -12.46 3.14
CA LEU A 40 -19.92 -11.40 3.87
C LEU A 40 -21.33 -11.18 3.33
N GLY A 41 -22.22 -10.75 4.22
CA GLY A 41 -23.50 -10.21 3.82
C GLY A 41 -23.48 -8.69 3.86
N SER A 42 -24.28 -8.10 4.74
CA SER A 42 -24.20 -6.67 5.01
C SER A 42 -23.19 -6.34 6.09
N GLU A 43 -22.65 -7.36 6.74
CA GLU A 43 -21.63 -7.11 7.75
CA GLU A 43 -21.61 -7.24 7.76
C GLU A 43 -20.27 -6.92 7.10
N GLU A 44 -19.34 -6.39 7.88
CA GLU A 44 -18.00 -6.14 7.38
C GLU A 44 -16.98 -6.91 8.21
N LEU A 45 -15.75 -6.96 7.69
CA LEU A 45 -14.67 -7.69 8.35
C LEU A 45 -14.35 -7.07 9.69
N THR A 46 -13.92 -7.92 10.62
CA THR A 46 -13.40 -7.42 11.88
C THR A 46 -12.06 -6.74 11.64
N VAL A 47 -11.60 -5.98 12.64
CA VAL A 47 -10.28 -5.36 12.53
C VAL A 47 -9.24 -6.43 12.28
N GLU A 48 -9.37 -7.57 12.95
CA GLU A 48 -8.39 -8.63 12.81
C GLU A 48 -8.43 -9.21 11.41
N GLU A 49 -9.63 -9.44 10.88
CA GLU A 49 -9.76 -10.03 9.56
C GLU A 49 -9.24 -9.07 8.48
N ARG A 50 -9.64 -7.80 8.56
CA ARG A 50 -9.19 -6.82 7.59
C ARG A 50 -7.66 -6.71 7.61
N ASN A 51 -7.06 -6.79 8.80
CA ASN A 51 -5.61 -6.76 8.85
C ASN A 51 -4.98 -8.05 8.36
N LEU A 52 -5.60 -9.22 8.58
CA LEU A 52 -5.04 -10.43 7.98
C LEU A 52 -5.05 -10.32 6.46
N LEU A 53 -6.12 -9.78 5.88
CA LEU A 53 -6.22 -9.71 4.43
C LEU A 53 -5.17 -8.75 3.86
N SER A 54 -4.98 -7.61 4.54
CA SER A 54 -3.99 -6.64 4.15
C SER A 54 -2.59 -7.21 4.25
N VAL A 55 -2.29 -7.90 5.36
CA VAL A 55 -0.98 -8.49 5.54
C VAL A 55 -0.71 -9.55 4.48
N ALA A 56 -1.71 -10.36 4.16
CA ALA A 56 -1.52 -11.38 3.13
C ALA A 56 -1.16 -10.74 1.79
N TYR A 57 -1.96 -9.78 1.35
CA TYR A 57 -1.72 -9.14 0.08
C TYR A 57 -0.42 -8.36 0.04
N LYS A 58 -0.08 -7.73 1.15
N LYS A 58 -0.07 -7.73 1.16
CA LYS A 58 1.13 -6.98 1.24
CA LYS A 58 1.15 -6.98 1.23
C LYS A 58 2.32 -7.92 1.01
C LYS A 58 2.32 -7.93 0.99
N ASN A 59 2.31 -9.08 1.62
CA ASN A 59 3.38 -10.03 1.45
C ASN A 59 3.48 -10.63 0.07
N VAL A 60 2.35 -10.96 -0.52
CA VAL A 60 2.30 -11.52 -1.84
C VAL A 60 2.85 -10.52 -2.86
N ILE A 61 2.39 -9.29 -2.82
CA ILE A 61 2.85 -8.26 -3.74
C ILE A 61 4.28 -7.87 -3.42
N GLY A 62 4.66 -7.93 -2.14
CA GLY A 62 5.96 -7.41 -1.74
C GLY A 62 7.10 -8.26 -2.25
N ALA A 63 6.91 -9.57 -2.32
CA ALA A 63 7.94 -10.43 -2.89
C ALA A 63 8.16 -10.10 -4.35
N ARG A 64 7.07 -9.82 -5.09
CA ARG A 64 7.20 -9.50 -6.50
C ARG A 64 7.84 -8.13 -6.70
N ARG A 65 7.45 -7.14 -5.88
CA ARG A 65 8.07 -5.84 -6.00
C ARG A 65 9.56 -5.93 -5.72
N ALA A 66 9.94 -6.72 -4.71
CA ALA A 66 11.36 -6.91 -4.42
C ALA A 66 12.06 -7.53 -5.62
N SER A 67 11.54 -8.64 -6.13
CA SER A 67 12.12 -9.25 -7.33
C SER A 67 12.17 -8.25 -8.48
N TRP A 68 11.11 -7.47 -8.66
CA TRP A 68 11.10 -6.50 -9.76
C TRP A 68 12.25 -5.52 -9.63
N ARG A 69 12.49 -5.02 -8.42
CA ARG A 69 13.53 -4.03 -8.21
C ARG A 69 14.90 -4.61 -8.53
N ILE A 70 15.17 -5.83 -8.04
CA ILE A 70 16.45 -6.48 -8.33
C ILE A 70 16.63 -6.65 -9.84
N ILE A 71 15.60 -7.14 -10.52
CA ILE A 71 15.71 -7.36 -11.95
C ILE A 71 15.89 -6.03 -12.69
N SER A 72 15.25 -4.96 -12.21
CA SER A 72 15.39 -3.67 -12.87
C SER A 72 16.80 -3.10 -12.71
N SER A 73 17.41 -3.27 -11.53
CA SER A 73 18.81 -2.88 -11.37
C SER A 73 19.69 -3.57 -12.39
N ILE A 74 19.59 -4.90 -12.45
CA ILE A 74 20.42 -5.68 -13.36
C ILE A 74 20.22 -5.21 -14.79
N GLU A 75 18.98 -4.91 -15.17
CA GLU A 75 18.68 -4.50 -16.54
C GLU A 75 19.34 -3.16 -16.86
N GLN A 76 19.19 -2.18 -15.96
CA GLN A 76 19.85 -0.91 -16.14
C GLN A 76 21.37 -1.08 -16.25
N LYS A 77 21.95 -1.98 -15.46
CA LYS A 77 23.39 -2.19 -15.54
C LYS A 77 23.80 -2.81 -16.87
N GLU A 78 23.03 -3.77 -17.37
CA GLU A 78 23.40 -4.34 -18.67
C GLU A 78 23.08 -3.39 -19.81
N GLU A 79 22.15 -2.45 -19.60
CA GLU A 79 21.94 -1.39 -20.57
C GLU A 79 23.20 -0.53 -20.70
N SER A 80 23.79 -0.16 -19.56
CA SER A 80 24.94 0.74 -19.59
C SER A 80 26.15 0.14 -20.28
N ARG A 81 26.13 -1.15 -20.63
CA ARG A 81 27.24 -1.76 -21.37
C ARG A 81 26.83 -2.19 -22.77
N GLY A 82 25.63 -1.84 -23.21
CA GLY A 82 25.20 -2.21 -24.55
C GLY A 82 25.13 -3.70 -24.76
N ASN A 83 24.97 -4.46 -23.69
CA ASN A 83 24.98 -5.91 -23.75
C ASN A 83 23.54 -6.35 -23.98
N GLU A 84 23.16 -6.51 -25.25
CA GLU A 84 21.75 -6.57 -25.63
C GLU A 84 21.11 -7.94 -25.49
N GLU A 85 21.86 -9.02 -25.67
CA GLU A 85 21.23 -10.33 -25.50
C GLU A 85 20.93 -10.59 -24.04
N HIS A 86 21.76 -10.10 -23.12
CA HIS A 86 21.35 -10.16 -21.73
C HIS A 86 20.14 -9.27 -21.49
N VAL A 87 20.13 -8.07 -22.08
CA VAL A 87 19.03 -7.16 -21.79
C VAL A 87 17.70 -7.78 -22.17
N ASN A 88 17.67 -8.46 -23.30
CA ASN A 88 16.45 -9.08 -23.72
C ASN A 88 16.01 -10.18 -22.76
N SER A 89 16.93 -11.00 -22.29
CA SER A 89 16.52 -12.01 -21.36
C SER A 89 16.07 -11.45 -20.03
N ILE A 90 16.75 -10.44 -19.57
CA ILE A 90 16.40 -9.78 -18.35
C ILE A 90 15.02 -9.17 -18.47
N ARG A 91 14.67 -8.64 -19.62
CA ARG A 91 13.34 -8.07 -19.82
C ARG A 91 12.28 -9.14 -19.97
N GLU A 92 12.61 -10.27 -20.57
CA GLU A 92 11.70 -11.41 -20.56
C GLU A 92 11.32 -11.75 -19.12
N TYR A 93 12.32 -11.80 -18.27
CA TYR A 93 12.08 -12.10 -16.90
C TYR A 93 11.23 -11.07 -16.19
N ARG A 94 11.52 -9.81 -16.44
CA ARG A 94 10.81 -8.72 -15.84
C ARG A 94 9.37 -8.73 -16.24
N SER A 95 9.08 -9.05 -17.50
CA SER A 95 7.73 -9.12 -17.99
C SER A 95 6.97 -10.16 -17.24
N LYS A 96 7.59 -11.28 -16.95
CA LYS A 96 6.92 -12.30 -16.15
C LYS A 96 6.52 -11.75 -14.79
N ILE A 97 7.48 -11.15 -14.08
CA ILE A 97 7.18 -10.59 -12.76
C ILE A 97 6.08 -9.56 -12.86
N GLU A 98 6.12 -8.72 -13.92
CA GLU A 98 5.10 -7.68 -14.05
C GLU A 98 3.72 -8.27 -14.29
N ASN A 99 3.62 -9.44 -14.93
CA ASN A 99 2.33 -10.08 -15.10
C ASN A 99 1.77 -10.54 -13.75
N GLU A 100 2.62 -11.07 -12.88
CA GLU A 100 2.14 -11.41 -11.54
C GLU A 100 1.70 -10.17 -10.78
N LEU A 101 2.50 -9.09 -10.82
CA LEU A 101 2.10 -7.84 -10.17
C LEU A 101 0.73 -7.36 -10.65
N SER A 102 0.47 -7.44 -11.95
CA SER A 102 -0.85 -7.02 -12.45
C SER A 102 -1.96 -7.94 -11.97
N LYS A 103 -1.71 -9.25 -11.94
CA LYS A 103 -2.74 -10.17 -11.43
C LYS A 103 -3.05 -9.92 -9.96
N ILE A 104 -2.00 -9.86 -9.14
CA ILE A 104 -2.18 -9.64 -7.70
C ILE A 104 -2.98 -8.37 -7.45
N CYS A 105 -2.55 -7.25 -8.06
CA CYS A 105 -3.27 -5.99 -7.85
C CYS A 105 -4.71 -6.11 -8.31
N ASP A 106 -4.94 -6.81 -9.41
CA ASP A 106 -6.31 -6.94 -9.91
C ASP A 106 -7.18 -7.73 -8.96
N GLY A 107 -6.60 -8.71 -8.26
CA GLY A 107 -7.36 -9.46 -7.26
C GLY A 107 -7.87 -8.55 -6.18
N ILE A 108 -6.97 -7.83 -5.51
CA ILE A 108 -7.45 -7.06 -4.38
C ILE A 108 -8.27 -5.86 -4.85
N LEU A 109 -7.94 -5.27 -5.99
CA LEU A 109 -8.70 -4.17 -6.48
C LEU A 109 -10.15 -4.56 -6.80
N LYS A 110 -10.37 -5.73 -7.37
CA LYS A 110 -11.72 -6.18 -7.62
C LYS A 110 -12.44 -6.42 -6.31
N LEU A 111 -11.76 -7.03 -5.38
CA LEU A 111 -12.34 -7.32 -4.09
C LEU A 111 -12.72 -6.05 -3.38
N LEU A 112 -11.88 -5.05 -3.47
CA LEU A 112 -12.13 -3.77 -2.82
C LEU A 112 -13.45 -3.15 -3.27
N ASP A 113 -13.68 -3.02 -4.58
CA ASP A 113 -14.89 -2.33 -5.04
CA ASP A 113 -14.92 -2.32 -4.92
C ASP A 113 -16.11 -3.26 -5.08
N ALA A 114 -15.91 -4.57 -5.16
CA ALA A 114 -17.05 -5.49 -5.16
C ALA A 114 -17.59 -5.76 -3.74
N LYS A 115 -16.71 -5.88 -2.74
CA LYS A 115 -17.14 -6.33 -1.41
C LYS A 115 -16.72 -5.36 -0.31
N LEU A 116 -15.43 -5.01 -0.24
CA LEU A 116 -14.94 -4.35 0.95
C LEU A 116 -15.46 -2.91 1.05
N ILE A 117 -15.22 -2.09 0.04
CA ILE A 117 -15.61 -0.68 0.14
C ILE A 117 -17.11 -0.53 0.30
N PRO A 118 -17.99 -1.24 -0.42
CA PRO A 118 -19.43 -1.14 -0.15
C PRO A 118 -19.80 -1.50 1.28
N SER A 119 -19.07 -2.41 1.92
CA SER A 119 -19.40 -2.89 3.26
C SER A 119 -18.93 -1.95 4.36
N ALA A 120 -18.00 -1.03 4.07
CA ALA A 120 -17.39 -0.23 5.12
C ALA A 120 -18.44 0.66 5.79
N ALA A 121 -18.51 0.60 7.12
CA ALA A 121 -19.56 1.32 7.85
C ALA A 121 -19.04 2.39 8.79
N SER A 122 -17.74 2.45 9.05
CA SER A 122 -17.18 3.49 9.90
C SER A 122 -16.09 4.25 9.15
N GLY A 123 -15.69 5.39 9.71
CA GLY A 123 -14.55 6.11 9.16
C GLY A 123 -13.29 5.27 9.11
N ASP A 124 -13.06 4.44 10.13
CA ASP A 124 -11.83 3.63 10.15
C ASP A 124 -11.74 2.76 8.92
N SER A 125 -12.81 2.04 8.62
CA SER A 125 -12.70 1.01 7.59
C SER A 125 -12.73 1.64 6.21
N LYS A 126 -13.51 2.71 6.02
CA LYS A 126 -13.51 3.39 4.73
C LYS A 126 -12.13 3.88 4.35
N VAL A 127 -11.49 4.61 5.26
CA VAL A 127 -10.16 5.11 4.98
C VAL A 127 -9.22 3.94 4.74
N PHE A 128 -9.36 2.88 5.56
CA PHE A 128 -8.50 1.72 5.40
C PHE A 128 -8.60 1.14 4.00
N TYR A 129 -9.82 0.97 3.50
CA TYR A 129 -9.98 0.35 2.21
C TYR A 129 -9.64 1.31 1.06
N LEU A 130 -9.98 2.60 1.17
CA LEU A 130 -9.61 3.51 0.09
C LEU A 130 -8.10 3.71 -0.01
N LYS A 131 -7.40 3.74 1.14
CA LYS A 131 -5.95 3.79 1.10
C LYS A 131 -5.37 2.54 0.45
N MET A 132 -5.94 1.37 0.76
CA MET A 132 -5.54 0.15 0.08
CA MET A 132 -5.53 0.16 0.08
C MET A 132 -5.75 0.27 -1.42
N LYS A 133 -6.88 0.81 -1.82
CA LYS A 133 -7.10 1.00 -3.24
C LYS A 133 -6.03 1.92 -3.83
N GLY A 134 -5.70 3.01 -3.15
CA GLY A 134 -4.62 3.86 -3.60
C GLY A 134 -3.30 3.12 -3.68
N ASP A 135 -2.99 2.33 -2.65
CA ASP A 135 -1.73 1.59 -2.61
C ASP A 135 -1.57 0.67 -3.81
N TYR A 136 -2.59 -0.10 -4.12
CA TYR A 136 -2.51 -1.06 -5.18
C TYR A 136 -2.42 -0.47 -6.56
N HIS A 137 -3.10 0.63 -6.79
CA HIS A 137 -2.95 1.36 -8.03
C HIS A 137 -1.55 1.93 -8.11
N ARG A 138 -1.01 2.38 -6.99
CA ARG A 138 0.32 2.89 -6.94
C ARG A 138 1.35 1.84 -7.34
N TYR A 139 1.16 0.59 -6.90
CA TYR A 139 2.10 -0.47 -7.23
C TYR A 139 2.06 -0.79 -8.72
N LEU A 140 0.90 -0.60 -9.37
CA LEU A 140 0.84 -0.70 -10.82
C LEU A 140 1.62 0.44 -11.47
N ALA A 141 1.41 1.67 -11.01
CA ALA A 141 2.10 2.84 -11.54
C ALA A 141 3.61 2.67 -11.49
N GLU A 142 4.11 1.89 -10.54
CA GLU A 142 5.54 1.78 -10.33
C GLU A 142 6.28 1.17 -11.50
N PHE A 143 5.61 0.42 -12.37
CA PHE A 143 6.32 -0.24 -13.45
C PHE A 143 5.75 0.04 -14.82
N LYS A 144 4.66 0.78 -14.90
CA LYS A 144 4.06 1.11 -16.18
C LYS A 144 4.62 2.42 -16.71
N THR A 145 4.43 2.65 -18.00
CA THR A 145 4.83 3.93 -18.59
CA THR A 145 4.88 3.85 -18.69
C THR A 145 3.71 4.47 -19.46
N GLY A 146 3.93 5.70 -19.93
CA GLY A 146 3.02 6.34 -20.87
C GLY A 146 1.59 6.34 -20.43
N ALA A 147 0.72 5.83 -21.31
CA ALA A 147 -0.72 5.93 -21.10
C ALA A 147 -1.19 5.04 -19.95
N GLU A 148 -0.70 3.81 -19.88
CA GLU A 148 -1.07 2.92 -18.78
C GLU A 148 -0.63 3.50 -17.45
N ARG A 149 0.51 4.15 -17.43
CA ARG A 149 1.02 4.78 -16.22
C ARG A 149 0.19 5.92 -15.74
N LYS A 150 -0.24 6.73 -16.67
CA LYS A 150 -1.05 7.86 -16.36
C LYS A 150 -2.35 7.44 -15.74
N GLU A 151 -2.94 6.40 -16.28
CA GLU A 151 -4.17 5.91 -15.77
C GLU A 151 -4.00 5.41 -14.33
N ALA A 152 -2.95 4.67 -14.08
CA ALA A 152 -2.69 4.19 -12.73
C ALA A 152 -2.44 5.35 -11.78
N ALA A 153 -1.77 6.36 -12.25
CA ALA A 153 -1.51 7.52 -11.44
C ALA A 153 -2.80 8.27 -11.13
N GLU A 154 -3.67 8.41 -12.11
CA GLU A 154 -4.94 9.07 -11.86
C GLU A 154 -5.75 8.28 -10.87
N SER A 155 -5.80 6.98 -11.02
CA SER A 155 -6.54 6.13 -10.11
C SER A 155 -5.96 6.24 -8.70
N THR A 156 -4.65 6.23 -8.58
CA THR A 156 -4.03 6.37 -7.27
C THR A 156 -4.44 7.68 -6.62
N LEU A 157 -4.36 8.78 -7.37
CA LEU A 157 -4.62 10.09 -6.79
C LEU A 157 -6.06 10.21 -6.35
N THR A 158 -6.98 9.72 -7.16
CA THR A 158 -8.40 9.79 -6.81
C THR A 158 -8.68 9.00 -5.53
N ALA A 159 -8.10 7.80 -5.41
CA ALA A 159 -8.33 6.98 -4.23
C ALA A 159 -7.77 7.63 -2.99
N TYR A 160 -6.52 8.06 -3.03
CA TYR A 160 -5.92 8.70 -1.89
C TYR A 160 -6.70 9.96 -1.49
N LYS A 161 -7.15 10.73 -2.45
CA LYS A 161 -7.88 11.94 -2.15
C LYS A 161 -9.20 11.64 -1.43
N ALA A 162 -9.92 10.64 -1.90
CA ALA A 162 -11.14 10.22 -1.27
C ALA A 162 -10.87 9.75 0.16
N ALA A 163 -9.79 8.99 0.33
CA ALA A 163 -9.42 8.51 1.66
C ALA A 163 -9.09 9.67 2.58
N GLN A 164 -8.37 10.66 2.07
CA GLN A 164 -7.91 11.76 2.91
C GLN A 164 -9.06 12.67 3.30
N ASP A 165 -10.03 12.88 2.41
CA ASP A 165 -11.19 13.68 2.77
C ASP A 165 -11.90 13.11 4.00
N ILE A 166 -12.06 11.79 4.02
CA ILE A 166 -12.69 11.15 5.17
C ILE A 166 -11.75 11.19 6.37
N ALA A 167 -10.47 10.86 6.15
CA ALA A 167 -9.53 10.75 7.27
C ALA A 167 -9.39 12.06 8.03
N THR A 168 -9.20 13.16 7.31
CA THR A 168 -8.94 14.43 7.97
C THR A 168 -10.18 14.93 8.71
N THR A 169 -11.37 14.52 8.29
CA THR A 169 -12.58 14.97 8.97
C THR A 169 -13.12 13.95 9.98
N GLU A 170 -12.62 12.73 9.98
CA GLU A 170 -13.25 11.71 10.80
C GLU A 170 -12.29 10.95 11.72
N LEU A 171 -10.99 10.96 11.48
CA LEU A 171 -10.00 10.30 12.34
C LEU A 171 -9.08 11.31 12.99
N ALA A 172 -8.52 10.94 14.13
CA ALA A 172 -7.57 11.79 14.82
C ALA A 172 -6.24 11.84 14.05
N PRO A 173 -5.50 12.94 14.17
CA PRO A 173 -4.21 13.05 13.45
C PRO A 173 -3.19 12.01 13.86
N THR A 174 -3.37 11.39 15.01
CA THR A 174 -2.45 10.37 15.49
C THR A 174 -2.88 8.93 15.12
N HIS A 175 -4.01 8.79 14.45
CA HIS A 175 -4.51 7.49 14.06
C HIS A 175 -3.53 6.86 13.09
N PRO A 176 -3.17 5.61 13.33
CA PRO A 176 -2.21 4.92 12.47
C PRO A 176 -2.62 4.86 11.01
N ILE A 177 -3.92 4.70 10.75
CA ILE A 177 -4.39 4.59 9.38
C ILE A 177 -4.29 5.94 8.68
N ARG A 178 -4.69 7.01 9.37
CA ARG A 178 -4.56 8.34 8.80
C ARG A 178 -3.09 8.65 8.53
N LEU A 179 -2.23 8.37 9.51
CA LEU A 179 -0.80 8.58 9.34
C LEU A 179 -0.24 7.70 8.24
N GLY A 180 -0.66 6.44 8.19
CA GLY A 180 -0.22 5.59 7.10
C GLY A 180 -0.64 6.13 5.76
N LEU A 181 -1.86 6.67 5.66
CA LEU A 181 -2.33 7.25 4.43
C LEU A 181 -1.44 8.43 4.02
N ALA A 182 -1.11 9.29 4.99
CA ALA A 182 -0.26 10.44 4.68
C ALA A 182 1.11 9.98 4.19
N LEU A 183 1.70 9.02 4.87
CA LEU A 183 2.99 8.50 4.46
C LEU A 183 2.96 8.02 3.01
N ASN A 184 2.01 7.16 2.68
CA ASN A 184 1.90 6.63 1.34
C ASN A 184 1.57 7.71 0.31
N PHE A 185 0.67 8.62 0.66
CA PHE A 185 0.27 9.68 -0.25
C PHE A 185 1.49 10.50 -0.56
N SER A 186 2.25 10.87 0.47
CA SER A 186 3.49 11.58 0.21
C SER A 186 4.40 10.77 -0.69
N VAL A 187 4.54 9.47 -0.42
CA VAL A 187 5.44 8.67 -1.26
C VAL A 187 4.94 8.68 -2.70
N PHE A 188 3.63 8.71 -2.89
CA PHE A 188 3.08 8.74 -4.24
C PHE A 188 3.52 9.99 -5.00
N TYR A 189 3.40 11.16 -4.36
CA TYR A 189 3.86 12.40 -4.99
C TYR A 189 5.34 12.32 -5.33
N TYR A 190 6.12 11.69 -4.47
CA TYR A 190 7.57 11.66 -4.61
C TYR A 190 8.02 10.68 -5.68
N GLU A 191 7.53 9.43 -5.62
CA GLU A 191 8.06 8.37 -6.48
C GLU A 191 7.30 8.19 -7.78
N ILE A 192 6.04 8.61 -7.86
CA ILE A 192 5.28 8.45 -9.09
C ILE A 192 5.13 9.77 -9.82
N LEU A 193 4.79 10.84 -9.10
CA LEU A 193 4.66 12.16 -9.67
C LEU A 193 5.98 12.92 -9.72
N ASN A 194 7.05 12.38 -9.13
CA ASN A 194 8.36 13.03 -9.11
C ASN A 194 8.24 14.49 -8.67
N SER A 195 7.48 14.72 -7.60
CA SER A 195 7.17 16.06 -7.10
C SER A 195 7.58 16.15 -5.64
N PRO A 196 8.88 16.30 -5.37
CA PRO A 196 9.34 16.30 -3.96
C PRO A 196 8.79 17.46 -3.16
N ASP A 197 8.46 18.56 -3.82
CA ASP A 197 7.85 19.70 -3.13
C ASP A 197 6.57 19.29 -2.42
N ARG A 198 5.59 18.75 -3.17
CA ARG A 198 4.35 18.29 -2.56
C ARG A 198 4.56 17.17 -1.58
N ALA A 199 5.42 16.23 -1.95
CA ALA A 199 5.69 15.10 -1.07
C ALA A 199 6.08 15.59 0.31
N CYS A 200 6.97 16.59 0.38
CA CYS A 200 7.43 17.10 1.66
C CYS A 200 6.33 17.87 2.38
N ASN A 201 5.60 18.72 1.67
CA ASN A 201 4.56 19.49 2.33
C ASN A 201 3.54 18.57 2.97
N LEU A 202 3.08 17.55 2.24
CA LEU A 202 2.07 16.65 2.78
C LEU A 202 2.63 15.85 3.96
N ALA A 203 3.83 15.28 3.80
CA ALA A 203 4.43 14.55 4.93
C ALA A 203 4.63 15.45 6.14
N LYS A 204 5.12 16.65 5.91
CA LYS A 204 5.36 17.56 7.00
C LYS A 204 4.09 17.98 7.70
N GLN A 205 3.06 18.26 6.95
CA GLN A 205 1.79 18.65 7.56
C GLN A 205 1.22 17.52 8.42
N ALA A 206 1.24 16.30 7.90
CA ALA A 206 0.72 15.19 8.69
C ALA A 206 1.54 14.96 9.94
N PHE A 207 2.86 15.04 9.82
CA PHE A 207 3.71 14.92 10.99
C PHE A 207 3.38 16.01 12.00
N ASP A 208 3.26 17.25 11.53
CA ASP A 208 3.05 18.36 12.47
C ASP A 208 1.71 18.27 13.18
N GLU A 209 0.64 17.86 12.48
CA GLU A 209 -0.66 17.76 13.14
C GLU A 209 -0.63 16.66 14.19
N ALA A 210 0.02 15.54 13.90
CA ALA A 210 0.16 14.47 14.88
C ALA A 210 0.92 14.94 16.12
N ILE A 211 2.07 15.58 15.92
CA ILE A 211 2.84 16.14 17.04
C ILE A 211 1.96 17.04 17.89
N ALA A 212 1.21 17.93 17.23
CA ALA A 212 0.37 18.86 17.97
C ALA A 212 -0.66 18.11 18.83
N GLU A 213 -1.29 17.09 18.26
CA GLU A 213 -2.26 16.32 19.02
C GLU A 213 -1.58 15.53 20.13
N LEU A 214 -0.41 14.97 19.85
CA LEU A 214 0.34 14.24 20.87
C LEU A 214 0.69 15.15 22.04
N ASP A 215 1.06 16.40 21.75
CA ASP A 215 1.49 17.32 22.79
C ASP A 215 0.35 17.85 23.64
N THR A 216 -0.89 17.71 23.20
CA THR A 216 -1.99 18.28 23.97
C THR A 216 -2.99 17.25 24.48
N LEU A 217 -3.27 16.20 23.71
CA LEU A 217 -4.29 15.22 24.07
C LEU A 217 -3.77 13.81 24.22
N GLY A 218 -2.52 13.54 23.85
CA GLY A 218 -2.05 12.19 23.76
C GLY A 218 -2.70 11.44 22.60
N GLU A 219 -2.59 10.11 22.67
CA GLU A 219 -3.15 9.22 21.67
C GLU A 219 -3.23 7.83 22.29
N GLU A 220 -4.29 7.10 21.97
CA GLU A 220 -4.48 5.77 22.56
C GLU A 220 -3.37 4.81 22.13
N SER A 221 -3.28 4.50 20.84
CA SER A 221 -2.28 3.57 20.32
C SER A 221 -0.92 4.18 19.94
N TYR A 222 -0.16 4.52 20.95
CA TYR A 222 1.11 5.20 20.76
C TYR A 222 2.10 4.40 19.94
N LYS A 223 2.15 3.10 20.13
CA LYS A 223 3.14 2.30 19.41
C LYS A 223 3.11 2.43 17.92
N ASP A 224 1.93 2.30 17.36
CA ASP A 224 1.82 2.37 15.92
C ASP A 224 2.04 3.73 15.31
N SER A 225 1.52 4.73 15.97
CA SER A 225 1.66 6.06 15.50
C SER A 225 3.12 6.40 15.55
N THR A 226 3.80 5.99 16.60
CA THR A 226 5.18 6.31 16.78
C THR A 226 6.04 5.80 15.68
N LEU A 227 5.80 4.59 15.24
CA LEU A 227 6.59 4.06 14.19
C LEU A 227 6.34 4.77 12.86
N ILE A 228 5.08 5.01 12.56
CA ILE A 228 4.78 5.68 11.31
C ILE A 228 5.32 7.10 11.31
N MET A 229 5.24 7.81 12.44
CA MET A 229 5.77 9.16 12.41
C MET A 229 7.29 9.18 12.31
N GLN A 230 7.95 8.14 12.82
CA GLN A 230 9.38 8.06 12.55
C GLN A 230 9.65 7.75 11.08
N LEU A 231 8.72 7.08 10.40
CA LEU A 231 8.90 6.84 8.97
C LEU A 231 8.70 8.13 8.18
N LEU A 232 7.77 8.96 8.61
CA LEU A 232 7.55 10.22 7.96
C LEU A 232 8.79 11.08 8.09
N ARG A 233 9.40 11.08 9.26
CA ARG A 233 10.61 11.83 9.47
C ARG A 233 11.75 11.33 8.64
N ASP A 234 11.88 10.02 8.55
CA ASP A 234 12.95 9.46 7.79
C ASP A 234 12.86 9.89 6.35
N ASN A 235 11.67 9.88 5.79
CA ASN A 235 11.49 10.30 4.40
C ASN A 235 11.76 11.79 4.23
N LEU A 236 11.27 12.62 5.15
CA LEU A 236 11.56 14.05 5.08
C LEU A 236 13.06 14.30 5.10
N THR A 237 13.78 13.66 6.01
CA THR A 237 15.23 13.84 6.09
C THR A 237 15.91 13.40 4.82
N LEU A 238 15.53 12.24 4.29
CA LEU A 238 16.10 11.75 3.03
C LEU A 238 15.79 12.71 1.89
N TRP A 239 14.51 13.07 1.73
CA TRP A 239 14.10 13.88 0.59
C TRP A 239 14.68 15.27 0.64
N THR A 240 14.80 15.87 1.84
CA THR A 240 15.29 17.25 1.89
C THR A 240 16.80 17.32 1.83
N SER A 241 17.50 16.27 2.29
CA SER A 241 18.94 16.24 2.07
C SER A 241 19.26 16.01 0.60
N ASP A 242 18.46 15.20 -0.08
CA ASP A 242 18.68 14.97 -1.50
C ASP A 242 18.40 16.22 -2.33
N MET A 243 17.49 17.08 -1.85
CA MET A 243 17.20 18.33 -2.56
C MET A 243 18.40 19.26 -2.58
N GLN A 244 18.95 19.57 -1.39
CA GLN A 244 20.09 20.48 -1.29
C GLN A 244 21.36 19.92 -1.91
N ASP A 245 21.40 18.63 -2.25
CA ASP A 245 22.52 18.03 -2.98
C ASP A 245 22.75 18.74 -4.31
N HIS B 1 18.25 9.02 -6.33
CA HIS B 1 17.90 8.17 -5.22
C HIS B 1 16.43 7.86 -5.27
N LEU B 2 16.05 6.66 -4.85
CA LEU B 2 14.67 6.24 -4.78
C LEU B 2 14.52 5.20 -3.69
N TYR B 3 13.35 4.61 -3.55
CA TYR B 3 13.09 3.67 -2.48
C TYR B 3 13.17 4.12 -1.02
N PHE B 4 12.16 4.91 -0.71
CA PHE B 4 11.63 5.49 0.52
C PHE B 4 11.02 4.53 1.46
N SER B 5 10.36 5.03 2.49
CA SER B 5 9.64 4.06 3.30
C SER B 5 8.15 4.28 3.21
N SEP B 6 7.41 3.19 3.07
CA SEP B 6 5.97 3.26 2.96
CB SEP B 6 5.56 2.92 1.53
OG SEP B 6 5.69 1.51 1.33
C SEP B 6 5.31 2.31 3.91
O SEP B 6 5.91 1.29 4.33
P SEP B 6 5.00 0.80 0.06
O1P SEP B 6 5.52 1.57 -1.12
O2P SEP B 6 5.48 -0.63 0.13
O3P SEP B 6 3.52 0.96 0.32
N ASN B 7 4.07 2.63 4.25
CA ASN B 7 3.26 1.83 5.15
C ASN B 7 2.43 0.88 4.29
C1 PGE C . -7.54 -22.33 0.62
O1 PGE C . -8.47 -22.63 -0.39
C2 PGE C . -6.15 -22.74 0.18
O2 PGE C . -5.79 -23.91 0.91
C3 PGE C . -4.46 -24.32 0.69
C4 PGE C . -3.90 -24.88 1.98
O4 PGE C . -7.14 -26.98 4.29
C6 PGE C . -5.89 -27.30 3.70
C5 PGE C . -5.11 -26.02 3.52
O3 PGE C . -4.53 -26.09 2.26
C1 PGE D . -15.39 2.60 -4.78
O1 PGE D . -15.86 2.34 -6.10
C2 PGE D . -15.57 4.07 -4.46
O2 PGE D . -14.31 4.69 -4.47
C3 PGE D . -14.38 6.09 -4.69
C4 PGE D . -12.97 6.61 -4.89
O4 PGE D . -9.50 5.47 -7.89
C6 PGE D . -10.88 5.78 -7.64
C5 PGE D . -11.06 6.21 -6.20
O3 PGE D . -12.23 5.66 -5.64
C1 PEG E . -5.73 -13.06 -7.44
O1 PEG E . -6.51 -13.34 -6.31
C2 PEG E . -4.40 -13.84 -7.38
O2 PEG E . -3.45 -13.11 -6.67
C3 PEG E . -3.46 -13.34 -5.29
C4 PEG E . -2.42 -14.41 -4.92
O4 PEG E . -3.07 -15.52 -4.34
C1 GOL F . 7.19 11.40 17.74
O1 GOL F . 6.78 10.72 18.90
C2 GOL F . 8.31 10.60 17.07
O2 GOL F . 7.96 9.23 17.07
C3 GOL F . 8.48 11.08 15.63
O3 GOL F . 9.76 10.72 15.15
C ACT G . 8.79 -0.98 0.28
O ACT G . 9.35 -0.04 -0.34
OXT ACT G . 8.14 -0.66 1.30
CH3 ACT G . 8.89 -2.41 -0.16
#